data_1HCQ
#
_entry.id   1HCQ
#
_cell.length_a   51.600
_cell.length_b   90.800
_cell.length_c   114.600
_cell.angle_alpha   90.00
_cell.angle_beta   90.00
_cell.angle_gamma   90.00
#
_symmetry.space_group_name_H-M   'P 21 21 21'
#
loop_
_entity.id
_entity.type
_entity.pdbx_description
1 polymer "DNA (5'-D(*CP*CP*AP*GP*GP*TP*CP*AP*CP*AP*GP*TP*GP*AP*CP*CP*T P*G)-3')"
2 polymer "DNA (5'-D(*CP*CP*AP*GP*GP*TP*CP*AP*CP*TP*GP*TP*GP*AP*CP*CP*T P*G)-3')"
3 polymer 'PROTEIN (ESTROGEN RECEPTOR)'
4 non-polymer 'ZINC ION'
5 water water
#
loop_
_entity_poly.entity_id
_entity_poly.type
_entity_poly.pdbx_seq_one_letter_code
_entity_poly.pdbx_strand_id
1 'polydeoxyribonucleotide' (DC)(DC)(DA)(DG)(DG)(DT)(DC)(DA)(DC)(DA)(DG)(DT)(DG)(DA)(DC)(DC)(DT)(DG) C,G
2 'polydeoxyribonucleotide' (DC)(DC)(DA)(DG)(DG)(DT)(DC)(DA)(DC)(DT)(DG)(DT)(DG)(DA)(DC)(DC)(DT)(DG) D,H
3 'polypeptide(L)'
;MKETRYCAVCNDYASGYHYGVWSCEGCKAFFKRSIQGHNDYMCPATNQCTIDKNRRKSCQACRLRKCYEVGMMKGGIRKD
RRGG
;
A,B,E,F
#
# COMPACT_ATOMS: atom_id res chain seq x y z
N MET E 1 -6.08 9.07 -28.28
CA MET E 1 -5.41 7.87 -28.83
C MET E 1 -6.12 6.60 -28.34
N LYS E 2 -6.17 6.48 -27.00
CA LYS E 2 -6.98 5.49 -26.30
C LYS E 2 -8.40 6.01 -26.44
N GLU E 3 -9.33 5.21 -26.95
CA GLU E 3 -10.70 5.68 -27.09
C GLU E 3 -11.49 5.42 -25.82
N THR E 4 -11.16 4.26 -25.20
CA THR E 4 -11.91 3.84 -24.03
C THR E 4 -11.11 3.23 -22.94
N ARG E 5 -11.69 3.24 -21.75
CA ARG E 5 -11.11 2.58 -20.59
C ARG E 5 -11.82 1.28 -20.18
N TYR E 6 -11.05 0.33 -19.70
CA TYR E 6 -11.58 -0.97 -19.31
C TYR E 6 -11.18 -1.34 -17.93
N CYS E 7 -12.06 -2.10 -17.30
CA CYS E 7 -11.94 -2.57 -15.94
C CYS E 7 -10.76 -3.46 -15.87
N ALA E 8 -9.84 -3.12 -15.05
CA ALA E 8 -8.69 -3.94 -14.95
C ALA E 8 -9.00 -5.36 -14.49
N VAL E 9 -10.14 -5.53 -13.79
CA VAL E 9 -10.51 -6.82 -13.21
C VAL E 9 -11.27 -7.65 -14.17
N CYS E 10 -12.32 -7.11 -14.72
CA CYS E 10 -13.16 -7.98 -15.49
C CYS E 10 -13.26 -7.60 -16.90
N ASN E 11 -12.60 -6.52 -17.26
CA ASN E 11 -12.64 -6.12 -18.62
C ASN E 11 -13.93 -5.54 -19.10
N ASP E 12 -14.76 -5.13 -18.19
CA ASP E 12 -15.91 -4.48 -18.73
C ASP E 12 -15.54 -2.97 -18.81
N TYR E 13 -16.37 -2.10 -19.40
CA TYR E 13 -16.08 -0.64 -19.47
C TYR E 13 -15.70 -0.07 -18.14
N ALA E 14 -14.63 0.65 -18.04
CA ALA E 14 -14.29 1.20 -16.76
C ALA E 14 -15.15 2.42 -16.57
N SER E 15 -15.37 2.80 -15.34
CA SER E 15 -16.24 3.96 -15.11
C SER E 15 -15.49 5.10 -14.46
N GLY E 16 -14.45 4.78 -13.74
CA GLY E 16 -13.68 5.80 -13.12
C GLY E 16 -12.42 5.10 -12.69
N TYR E 17 -11.70 5.65 -11.77
CA TYR E 17 -10.52 5.01 -11.31
C TYR E 17 -10.76 4.84 -9.86
N HIS E 18 -11.00 3.62 -9.46
CA HIS E 18 -11.38 3.29 -8.11
C HIS E 18 -10.43 2.33 -7.52
N TYR E 19 -10.14 2.60 -6.30
CA TYR E 19 -9.26 1.78 -5.52
C TYR E 19 -7.91 1.66 -6.13
N GLY E 20 -7.66 2.61 -7.02
CA GLY E 20 -6.35 2.69 -7.64
C GLY E 20 -6.19 2.00 -8.99
N VAL E 21 -7.27 1.58 -9.65
CA VAL E 21 -7.13 0.99 -10.96
C VAL E 21 -8.32 1.43 -11.73
N TRP E 22 -8.25 1.50 -13.03
CA TRP E 22 -9.44 1.82 -13.70
C TRP E 22 -10.43 0.68 -13.37
N SER E 23 -11.68 1.00 -13.03
CA SER E 23 -12.58 -0.07 -12.74
C SER E 23 -14.07 0.15 -13.11
N CYS E 24 -14.86 -0.95 -13.19
CA CYS E 24 -16.27 -0.84 -13.54
C CYS E 24 -16.98 -0.60 -12.21
N GLU E 25 -18.23 -0.17 -12.24
CA GLU E 25 -18.97 -0.02 -10.97
C GLU E 25 -19.05 -1.38 -10.24
N GLY E 26 -19.28 -2.49 -10.97
CA GLY E 26 -19.30 -3.78 -10.36
C GLY E 26 -18.03 -4.04 -9.55
N CYS E 27 -16.88 -4.07 -10.17
CA CYS E 27 -15.70 -4.40 -9.34
C CYS E 27 -15.44 -3.49 -8.17
N LYS E 28 -15.83 -2.25 -8.33
CA LYS E 28 -15.64 -1.28 -7.26
C LYS E 28 -16.46 -1.65 -6.00
N ALA E 29 -17.75 -1.91 -6.22
CA ALA E 29 -18.70 -2.29 -5.15
C ALA E 29 -18.32 -3.64 -4.56
N PHE E 30 -17.98 -4.56 -5.45
CA PHE E 30 -17.44 -5.79 -4.97
C PHE E 30 -16.29 -5.56 -3.96
N PHE E 31 -15.25 -4.89 -4.40
CA PHE E 31 -14.13 -4.70 -3.53
C PHE E 31 -14.52 -3.98 -2.32
N LYS E 32 -15.30 -2.93 -2.48
CA LYS E 32 -15.80 -2.21 -1.29
C LYS E 32 -16.36 -3.18 -0.23
N ARG E 33 -17.38 -3.97 -0.61
CA ARG E 33 -17.95 -4.88 0.36
C ARG E 33 -16.90 -5.81 0.92
N SER E 34 -15.99 -6.24 0.09
CA SER E 34 -15.09 -7.20 0.60
C SER E 34 -14.21 -6.61 1.64
N ILE E 35 -13.87 -5.33 1.49
CA ILE E 35 -12.97 -4.80 2.52
C ILE E 35 -13.72 -4.43 3.78
N GLN E 36 -15.05 -4.48 3.71
CA GLN E 36 -15.86 -4.16 4.86
C GLN E 36 -16.02 -5.34 5.82
N GLY E 37 -14.96 -6.12 6.08
CA GLY E 37 -15.10 -7.20 7.07
C GLY E 37 -14.68 -8.61 6.66
N HIS E 38 -14.80 -9.58 7.59
CA HIS E 38 -14.47 -10.98 7.32
C HIS E 38 -15.21 -11.44 6.06
N ASN E 39 -14.61 -12.34 5.26
CA ASN E 39 -15.30 -12.92 4.08
C ASN E 39 -15.21 -14.43 3.95
N ASP E 40 -16.32 -15.08 3.81
CA ASP E 40 -16.16 -16.49 3.60
C ASP E 40 -16.35 -16.74 2.11
N TYR E 41 -15.32 -16.46 1.29
CA TYR E 41 -15.50 -16.67 -0.16
C TYR E 41 -14.89 -17.98 -0.52
N MET E 42 -15.56 -18.74 -1.41
CA MET E 42 -15.01 -19.99 -1.87
C MET E 42 -14.87 -20.10 -3.37
N CYS E 43 -13.94 -20.94 -3.76
CA CYS E 43 -13.83 -21.16 -5.19
C CYS E 43 -14.52 -22.46 -5.54
N PRO E 44 -15.31 -22.49 -6.55
CA PRO E 44 -15.96 -23.74 -6.85
C PRO E 44 -15.05 -24.67 -7.63
N ALA E 45 -13.89 -24.17 -8.08
CA ALA E 45 -13.03 -24.96 -8.95
C ALA E 45 -11.59 -25.03 -8.39
N THR E 46 -10.58 -24.49 -9.11
CA THR E 46 -9.21 -24.60 -8.57
C THR E 46 -8.50 -23.31 -8.27
N ASN E 47 -9.27 -22.28 -8.10
CA ASN E 47 -8.68 -21.03 -7.77
C ASN E 47 -7.89 -20.44 -8.90
N GLN E 48 -8.35 -20.65 -10.10
CA GLN E 48 -7.82 -20.08 -11.31
C GLN E 48 -8.93 -19.78 -12.27
N CYS E 49 -10.05 -19.20 -11.74
CA CYS E 49 -11.19 -18.89 -12.57
C CYS E 49 -10.93 -17.70 -13.47
N THR E 50 -11.72 -17.66 -14.51
CA THR E 50 -11.66 -16.59 -15.43
C THR E 50 -12.70 -15.56 -15.07
N ILE E 51 -12.22 -14.37 -14.79
CA ILE E 51 -13.08 -13.33 -14.39
C ILE E 51 -13.31 -12.38 -15.52
N ASP E 52 -14.42 -12.51 -16.11
CA ASP E 52 -14.72 -11.57 -17.08
C ASP E 52 -16.06 -10.99 -16.76
N LYS E 53 -16.62 -10.33 -17.71
CA LYS E 53 -17.85 -9.74 -17.36
C LYS E 53 -18.96 -10.73 -17.15
N ASN E 54 -18.87 -11.91 -17.76
CA ASN E 54 -19.97 -12.84 -17.56
C ASN E 54 -19.81 -13.80 -16.39
N ARG E 55 -18.55 -14.10 -16.08
CA ARG E 55 -18.22 -15.01 -15.05
C ARG E 55 -17.92 -14.41 -13.74
N ARG E 56 -18.00 -13.09 -13.68
CA ARG E 56 -17.67 -12.38 -12.47
C ARG E 56 -18.50 -12.64 -11.27
N LYS E 57 -19.82 -12.86 -11.42
CA LYS E 57 -20.63 -13.12 -10.24
C LYS E 57 -20.45 -14.56 -9.78
N SER E 58 -19.75 -15.34 -10.57
CA SER E 58 -19.58 -16.70 -10.24
C SER E 58 -18.56 -17.07 -9.19
N CYS E 59 -17.37 -16.52 -9.19
CA CYS E 59 -16.42 -16.90 -8.16
C CYS E 59 -16.01 -15.69 -7.41
N GLN E 60 -16.49 -15.54 -6.23
CA GLN E 60 -16.13 -14.41 -5.47
C GLN E 60 -14.71 -14.48 -4.99
N ALA E 61 -14.17 -15.68 -4.86
CA ALA E 61 -12.81 -15.82 -4.37
C ALA E 61 -11.84 -15.33 -5.38
N CYS E 62 -11.99 -15.85 -6.57
CA CYS E 62 -11.11 -15.48 -7.63
C CYS E 62 -11.23 -14.03 -8.02
N ARG E 63 -12.38 -13.45 -7.81
CA ARG E 63 -12.66 -12.06 -8.12
C ARG E 63 -11.88 -11.20 -7.14
N LEU E 64 -11.97 -11.55 -5.89
CA LEU E 64 -11.26 -10.76 -4.99
C LEU E 64 -9.78 -10.81 -5.29
N ARG E 65 -9.34 -12.01 -5.63
CA ARG E 65 -7.94 -12.30 -5.93
C ARG E 65 -7.44 -11.39 -7.02
N LYS E 66 -8.22 -11.28 -8.03
CA LYS E 66 -7.76 -10.44 -9.07
C LYS E 66 -7.87 -9.01 -8.64
N CYS E 67 -8.78 -8.71 -7.73
CA CYS E 67 -8.89 -7.35 -7.31
C CYS E 67 -7.57 -6.98 -6.76
N TYR E 68 -7.07 -7.81 -5.88
CA TYR E 68 -5.77 -7.55 -5.31
C TYR E 68 -4.65 -7.66 -6.36
N GLU E 69 -4.74 -8.66 -7.19
CA GLU E 69 -3.68 -8.82 -8.17
C GLU E 69 -3.45 -7.57 -8.96
N VAL E 70 -4.50 -6.94 -9.45
CA VAL E 70 -4.28 -5.83 -10.34
C VAL E 70 -3.94 -4.47 -9.70
N GLY E 71 -3.96 -4.42 -8.37
CA GLY E 71 -3.59 -3.20 -7.71
C GLY E 71 -4.56 -2.59 -6.71
N MET E 72 -5.81 -3.01 -6.66
CA MET E 72 -6.74 -2.39 -5.70
C MET E 72 -6.19 -2.30 -4.28
N MET E 73 -6.38 -1.10 -3.72
CA MET E 73 -5.90 -0.77 -2.38
C MET E 73 -6.92 0.12 -1.68
N LYS E 74 -7.32 -0.27 -0.45
CA LYS E 74 -8.36 0.47 0.28
C LYS E 74 -7.93 1.87 0.73
N THR F 4 -31.34 -42.08 6.09
CA THR F 4 -30.47 -40.99 5.68
C THR F 4 -29.93 -41.05 4.24
N ARG F 5 -30.63 -40.29 3.39
CA ARG F 5 -30.42 -40.08 1.97
C ARG F 5 -29.71 -38.74 1.70
N TYR F 6 -28.85 -38.72 0.68
CA TYR F 6 -28.09 -37.53 0.33
C TYR F 6 -28.33 -37.09 -1.10
N CYS F 7 -28.51 -35.77 -1.29
CA CYS F 7 -28.67 -35.22 -2.63
C CYS F 7 -27.66 -35.85 -3.58
N ALA F 8 -28.20 -36.32 -4.64
CA ALA F 8 -27.46 -36.94 -5.69
C ALA F 8 -26.66 -35.90 -6.43
N VAL F 9 -27.13 -34.65 -6.37
CA VAL F 9 -26.44 -33.60 -7.04
C VAL F 9 -25.33 -33.00 -6.18
N CYS F 10 -25.66 -32.50 -5.00
CA CYS F 10 -24.69 -31.80 -4.21
C CYS F 10 -24.29 -32.45 -2.95
N ASN F 11 -25.02 -33.50 -2.64
CA ASN F 11 -24.71 -34.27 -1.48
C ASN F 11 -25.11 -33.66 -0.23
N ASP F 12 -25.93 -32.64 -0.27
CA ASP F 12 -26.40 -32.13 0.99
C ASP F 12 -27.35 -33.24 1.39
N TYR F 13 -28.09 -33.12 2.52
CA TYR F 13 -29.11 -34.16 2.87
C TYR F 13 -30.32 -34.13 1.92
N ALA F 14 -30.78 -35.26 1.38
CA ALA F 14 -31.95 -35.11 0.53
C ALA F 14 -33.20 -34.81 1.32
N SER F 15 -34.18 -34.32 0.64
CA SER F 15 -35.43 -34.02 1.27
C SER F 15 -36.51 -35.00 0.77
N GLY F 16 -36.33 -35.55 -0.44
CA GLY F 16 -37.27 -36.47 -0.98
C GLY F 16 -36.75 -36.89 -2.30
N TYR F 17 -37.54 -37.53 -3.09
CA TYR F 17 -37.07 -37.96 -4.36
C TYR F 17 -37.73 -37.00 -5.28
N HIS F 18 -36.96 -36.08 -5.89
CA HIS F 18 -37.51 -35.02 -6.74
C HIS F 18 -37.00 -35.10 -8.16
N TYR F 19 -37.88 -34.90 -9.11
CA TYR F 19 -37.59 -35.07 -10.53
C TYR F 19 -36.90 -36.36 -10.90
N GLY F 20 -36.94 -37.39 -10.01
CA GLY F 20 -36.37 -38.68 -10.32
C GLY F 20 -35.17 -39.12 -9.51
N VAL F 21 -34.73 -38.33 -8.55
CA VAL F 21 -33.59 -38.76 -7.78
C VAL F 21 -33.73 -38.24 -6.40
N TRP F 22 -32.82 -38.64 -5.57
CA TRP F 22 -32.83 -38.07 -4.26
C TRP F 22 -32.22 -36.68 -4.31
N SER F 23 -32.87 -35.72 -3.75
CA SER F 23 -32.33 -34.41 -3.88
C SER F 23 -32.80 -33.45 -2.80
N CYS F 24 -31.91 -32.46 -2.53
CA CYS F 24 -32.13 -31.38 -1.56
C CYS F 24 -33.18 -30.47 -2.10
N GLU F 25 -33.69 -29.61 -1.21
CA GLU F 25 -34.67 -28.66 -1.71
C GLU F 25 -34.02 -27.69 -2.68
N GLY F 26 -32.72 -27.47 -2.49
CA GLY F 26 -31.97 -26.57 -3.35
C GLY F 26 -31.88 -27.06 -4.77
N CYS F 27 -31.44 -28.32 -4.91
CA CYS F 27 -31.34 -28.74 -6.26
C CYS F 27 -32.68 -28.89 -6.86
N LYS F 28 -33.64 -29.16 -6.01
CA LYS F 28 -34.94 -29.32 -6.59
C LYS F 28 -35.46 -28.05 -7.20
N ALA F 29 -35.42 -27.02 -6.42
CA ALA F 29 -35.99 -25.79 -6.90
C ALA F 29 -35.19 -25.25 -8.08
N PHE F 30 -33.91 -25.46 -8.00
CA PHE F 30 -33.05 -25.02 -9.08
C PHE F 30 -33.40 -25.71 -10.35
N PHE F 31 -33.56 -27.00 -10.27
CA PHE F 31 -33.92 -27.74 -11.45
C PHE F 31 -35.25 -27.25 -11.92
N LYS F 32 -36.10 -26.98 -10.95
CA LYS F 32 -37.43 -26.53 -11.27
C LYS F 32 -37.33 -25.25 -12.10
N ARG F 33 -36.57 -24.30 -11.55
CA ARG F 33 -36.46 -23.03 -12.19
C ARG F 33 -35.94 -23.24 -13.55
N SER F 34 -34.97 -24.13 -13.63
CA SER F 34 -34.37 -24.37 -14.93
C SER F 34 -35.29 -24.76 -16.03
N ILE F 35 -36.15 -25.68 -15.76
CA ILE F 35 -37.03 -26.04 -16.86
C ILE F 35 -37.98 -24.94 -17.20
N GLN F 36 -38.07 -23.90 -16.42
CA GLN F 36 -39.00 -22.91 -16.96
C GLN F 36 -38.39 -21.93 -17.98
N GLY F 37 -37.14 -22.09 -18.39
CA GLY F 37 -36.60 -21.10 -19.30
C GLY F 37 -35.46 -20.33 -18.65
N HIS F 38 -34.34 -20.25 -19.34
CA HIS F 38 -33.18 -19.61 -18.80
C HIS F 38 -32.14 -19.45 -19.87
N ASN F 39 -31.34 -18.40 -19.77
CA ASN F 39 -30.26 -18.27 -20.68
C ASN F 39 -29.24 -19.27 -20.24
N ASP F 40 -28.49 -19.79 -21.19
CA ASP F 40 -27.41 -20.68 -20.90
C ASP F 40 -26.51 -20.14 -19.78
N TYR F 41 -26.07 -21.05 -19.00
CA TYR F 41 -25.26 -20.70 -17.90
C TYR F 41 -23.80 -20.75 -18.33
N MET F 42 -22.95 -20.23 -17.50
CA MET F 42 -21.55 -20.13 -17.83
C MET F 42 -20.68 -20.61 -16.72
N CYS F 43 -19.81 -21.53 -17.04
CA CYS F 43 -18.90 -21.97 -16.02
C CYS F 43 -17.73 -21.02 -15.97
N PRO F 44 -17.36 -20.58 -14.81
CA PRO F 44 -16.22 -19.68 -14.60
C PRO F 44 -14.83 -20.33 -14.79
N ALA F 45 -14.79 -21.66 -14.80
CA ALA F 45 -13.58 -22.43 -14.90
C ALA F 45 -13.58 -23.40 -16.07
N THR F 46 -13.36 -24.67 -15.80
CA THR F 46 -13.26 -25.62 -16.88
C THR F 46 -14.36 -26.65 -16.97
N ASN F 47 -15.54 -26.33 -16.48
CA ASN F 47 -16.64 -27.27 -16.59
C ASN F 47 -16.47 -28.54 -15.76
N GLN F 48 -15.87 -28.36 -14.62
CA GLN F 48 -15.75 -29.46 -13.75
C GLN F 48 -15.82 -28.94 -12.37
N CYS F 49 -16.77 -28.09 -12.08
CA CYS F 49 -16.71 -27.63 -10.72
C CYS F 49 -17.10 -28.68 -9.69
N THR F 50 -16.79 -28.34 -8.46
CA THR F 50 -17.15 -29.10 -7.31
C THR F 50 -18.52 -28.61 -6.79
N ILE F 51 -19.54 -29.42 -7.03
CA ILE F 51 -20.82 -29.01 -6.58
C ILE F 51 -21.02 -29.56 -5.22
N ASP F 52 -21.18 -28.67 -4.29
CA ASP F 52 -21.43 -29.11 -2.96
C ASP F 52 -22.43 -28.19 -2.35
N LYS F 53 -22.66 -28.36 -1.11
CA LYS F 53 -23.57 -27.54 -0.39
C LYS F 53 -23.26 -26.07 -0.46
N ASN F 54 -21.98 -25.68 -0.47
CA ASN F 54 -21.72 -24.25 -0.52
C ASN F 54 -21.53 -23.80 -1.94
N ARG F 55 -20.56 -24.44 -2.56
CA ARG F 55 -20.19 -24.17 -3.91
C ARG F 55 -21.29 -24.32 -4.89
N ARG F 56 -22.39 -24.87 -4.51
CA ARG F 56 -23.39 -25.02 -5.55
C ARG F 56 -23.93 -23.73 -6.08
N LYS F 57 -23.92 -22.66 -5.29
CA LYS F 57 -24.45 -21.35 -5.76
C LYS F 57 -23.61 -20.65 -6.80
N SER F 58 -22.33 -20.99 -6.82
CA SER F 58 -21.32 -20.48 -7.71
C SER F 58 -21.40 -20.91 -9.15
N CYS F 59 -21.27 -22.19 -9.44
CA CYS F 59 -21.38 -22.61 -10.82
C CYS F 59 -22.74 -23.23 -11.14
N GLN F 60 -23.62 -22.43 -11.65
CA GLN F 60 -24.90 -22.92 -12.05
C GLN F 60 -24.73 -23.79 -13.26
N ALA F 61 -23.76 -23.50 -14.06
CA ALA F 61 -23.63 -24.31 -15.25
C ALA F 61 -23.26 -25.69 -14.82
N CYS F 62 -22.40 -25.82 -13.85
CA CYS F 62 -22.04 -27.16 -13.50
C CYS F 62 -23.18 -27.88 -12.80
N ARG F 63 -23.91 -27.14 -11.97
CA ARG F 63 -25.04 -27.65 -11.27
C ARG F 63 -26.03 -28.28 -12.23
N LEU F 64 -26.44 -27.54 -13.23
CA LEU F 64 -27.45 -28.05 -14.10
C LEU F 64 -26.98 -29.30 -14.81
N ARG F 65 -25.71 -29.27 -15.19
CA ARG F 65 -25.15 -30.37 -15.93
C ARG F 65 -25.22 -31.62 -15.05
N LYS F 66 -24.85 -31.42 -13.78
CA LYS F 66 -24.91 -32.49 -12.88
C LYS F 66 -26.33 -32.89 -12.66
N CYS F 67 -27.24 -31.92 -12.78
CA CYS F 67 -28.64 -32.22 -12.61
C CYS F 67 -29.05 -33.28 -13.57
N TYR F 68 -28.70 -33.06 -14.81
CA TYR F 68 -29.03 -34.01 -15.82
C TYR F 68 -28.25 -35.28 -15.72
N GLU F 69 -27.01 -35.17 -15.35
CA GLU F 69 -26.23 -36.36 -15.32
C GLU F 69 -26.75 -37.43 -14.38
N VAL F 70 -27.20 -37.02 -13.20
CA VAL F 70 -27.66 -37.95 -12.24
C VAL F 70 -29.06 -38.39 -12.57
N GLY F 71 -29.65 -37.86 -13.64
CA GLY F 71 -31.00 -38.35 -13.93
C GLY F 71 -32.17 -37.38 -13.99
N MET F 72 -32.22 -36.34 -13.16
CA MET F 72 -33.38 -35.47 -13.14
C MET F 72 -34.02 -35.34 -14.49
N MET F 73 -35.35 -35.42 -14.50
CA MET F 73 -36.18 -35.22 -15.70
C MET F 73 -37.54 -34.75 -15.25
N LYS F 74 -38.32 -34.07 -16.12
CA LYS F 74 -39.67 -33.61 -15.75
C LYS F 74 -40.61 -34.78 -15.64
N MET G 1 40.26 38.46 4.35
CA MET G 1 39.13 37.99 3.54
C MET G 1 38.99 38.67 2.15
N LYS G 2 39.28 37.89 1.10
CA LYS G 2 39.21 38.40 -0.25
C LYS G 2 37.81 38.53 -0.86
N GLU G 3 36.98 37.50 -0.78
CA GLU G 3 35.68 37.65 -1.41
C GLU G 3 34.71 38.35 -0.50
N THR G 4 33.88 39.19 -1.02
CA THR G 4 33.11 39.84 -0.01
C THR G 4 31.64 39.86 -0.32
N ARG G 5 31.32 39.47 -1.52
CA ARG G 5 29.93 39.51 -1.85
C ARG G 5 29.11 38.17 -1.67
N TYR G 6 29.73 37.10 -1.16
CA TYR G 6 29.06 35.81 -0.95
C TYR G 6 29.32 35.40 0.48
N CYS G 7 28.34 34.68 1.10
CA CYS G 7 28.43 34.22 2.47
C CYS G 7 29.61 33.35 2.62
N ALA G 8 30.36 33.59 3.64
CA ALA G 8 31.54 32.82 3.73
C ALA G 8 31.15 31.47 4.10
N VAL G 9 29.99 31.36 4.70
CA VAL G 9 29.62 30.08 5.20
C VAL G 9 28.82 29.27 4.25
N CYS G 10 27.82 29.83 3.61
CA CYS G 10 26.93 29.00 2.84
C CYS G 10 26.85 29.32 1.40
N ASN G 11 27.70 30.23 0.97
CA ASN G 11 27.77 30.62 -0.40
C ASN G 11 26.53 31.20 -0.98
N ASP G 12 25.73 31.76 -0.12
CA ASP G 12 24.62 32.47 -0.66
C ASP G 12 25.06 33.95 -0.68
N TYR G 13 24.38 34.83 -1.37
CA TYR G 13 24.81 36.22 -1.29
C TYR G 13 24.94 36.76 0.14
N ALA G 14 26.05 37.48 0.46
CA ALA G 14 26.18 38.11 1.76
C ALA G 14 25.30 39.29 1.82
N SER G 15 24.92 39.64 3.01
CA SER G 15 24.06 40.78 3.14
C SER G 15 24.81 41.92 3.75
N GLY G 16 25.94 41.66 4.46
CA GLY G 16 26.69 42.67 5.14
C GLY G 16 27.89 42.06 5.82
N TYR G 17 28.42 42.76 6.78
CA TYR G 17 29.58 42.22 7.42
C TYR G 17 29.17 41.97 8.85
N HIS G 18 29.04 40.67 9.15
CA HIS G 18 28.49 40.19 10.39
C HIS G 18 29.44 39.33 11.23
N TYR G 19 29.62 39.70 12.45
CA TYR G 19 30.42 38.85 13.28
C TYR G 19 31.74 38.56 12.69
N GLY G 20 32.18 39.48 11.89
CA GLY G 20 33.52 39.44 11.45
C GLY G 20 33.67 38.92 10.08
N VAL G 21 32.59 38.64 9.37
CA VAL G 21 32.76 38.14 8.04
C VAL G 21 31.59 38.46 7.17
N TRP G 22 31.79 38.29 5.91
CA TRP G 22 30.71 38.51 5.01
C TRP G 22 29.82 37.30 5.16
N SER G 23 28.51 37.51 5.34
CA SER G 23 27.58 36.43 5.60
C SER G 23 26.16 36.84 5.31
N CYS G 24 25.32 35.85 5.02
CA CYS G 24 23.91 36.06 4.74
C CYS G 24 23.20 36.29 6.05
N GLU G 25 21.93 36.68 5.96
CA GLU G 25 21.13 36.88 7.21
C GLU G 25 21.01 35.58 8.01
N GLY G 26 20.89 34.47 7.27
CA GLY G 26 20.82 33.14 7.81
C GLY G 26 22.01 32.82 8.65
N CYS G 27 23.22 32.85 8.11
CA CYS G 27 24.32 32.56 9.03
C CYS G 27 24.46 33.51 10.20
N LYS G 28 24.12 34.79 10.00
CA LYS G 28 24.19 35.79 11.08
C LYS G 28 23.28 35.38 12.28
N ALA G 29 22.02 35.09 11.97
CA ALA G 29 21.03 34.62 12.92
C ALA G 29 21.50 33.34 13.62
N PHE G 30 21.80 32.34 12.77
CA PHE G 30 22.31 31.08 13.23
C PHE G 30 23.43 31.31 14.20
N PHE G 31 24.33 32.15 13.79
CA PHE G 31 25.43 32.46 14.62
C PHE G 31 25.00 33.09 15.91
N LYS G 32 24.32 34.23 15.81
CA LYS G 32 23.74 34.92 16.97
C LYS G 32 23.10 33.95 17.95
N ARG G 33 22.11 33.20 17.44
CA ARG G 33 21.38 32.24 18.30
C ARG G 33 22.34 31.32 18.98
N SER G 34 23.24 30.77 18.17
CA SER G 34 24.18 29.81 18.68
C SER G 34 25.05 30.33 19.77
N ILE G 35 25.45 31.58 19.66
CA ILE G 35 26.26 32.09 20.73
C ILE G 35 25.39 32.35 21.92
N GLN G 36 24.09 32.68 21.64
CA GLN G 36 23.03 32.96 22.64
C GLN G 36 22.74 31.74 23.54
N GLY G 37 22.93 30.56 22.96
CA GLY G 37 22.85 29.25 23.61
C GLY G 37 24.18 28.95 24.35
N HIS G 38 24.76 27.73 24.26
CA HIS G 38 24.27 26.65 23.44
N ASN G 39 25.33 25.05 22.23
CA ASN G 39 26.08 23.90 21.76
C ASN G 39 25.12 22.75 21.40
N ASP G 40 25.67 21.54 21.36
CA ASP G 40 24.96 20.30 21.22
C ASP G 40 24.41 19.92 19.87
N TYR G 41 25.04 20.35 18.78
CA TYR G 41 24.53 19.87 17.52
C TYR G 41 25.15 18.55 17.37
N MET G 42 24.81 17.82 16.34
CA MET G 42 25.43 16.54 16.22
C MET G 42 25.49 16.12 14.81
N CYS G 43 26.56 15.53 14.43
CA CYS G 43 26.59 15.18 13.06
C CYS G 43 26.11 13.75 12.68
N PRO G 44 25.09 13.71 11.79
CA PRO G 44 24.55 12.49 11.21
C PRO G 44 25.65 11.67 10.57
N ALA G 45 26.67 12.40 10.12
CA ALA G 45 27.79 11.82 9.39
C ALA G 45 29.19 11.94 10.04
N THR G 46 30.19 12.32 9.23
CA THR G 46 31.61 12.41 9.61
C THR G 46 32.14 13.74 10.06
N ASN G 47 31.33 14.78 10.23
CA ASN G 47 31.84 16.09 10.65
C ASN G 47 32.47 16.82 9.50
N GLN G 48 31.99 16.47 8.33
CA GLN G 48 32.49 17.09 7.16
C GLN G 48 31.42 17.35 6.18
N CYS G 49 30.25 17.86 6.64
CA CYS G 49 29.23 18.11 5.65
C CYS G 49 29.56 19.40 4.89
N THR G 50 29.05 19.44 3.70
CA THR G 50 29.11 20.50 2.79
C THR G 50 28.02 21.46 3.18
N ILE G 51 28.38 22.70 3.51
CA ILE G 51 27.40 23.71 3.84
C ILE G 51 27.13 24.57 2.64
N ASP G 52 26.08 24.31 1.94
CA ASP G 52 25.82 25.16 0.84
C ASP G 52 24.43 25.67 0.98
N LYS G 53 23.94 26.24 -0.04
CA LYS G 53 22.63 26.74 0.11
C LYS G 53 22.11 26.84 -1.24
N ASN G 54 23.01 26.62 -2.18
CA ASN G 54 22.64 26.62 -3.57
C ASN G 54 22.11 25.18 -3.84
N ARG G 55 23.03 24.25 -3.55
CA ARG G 55 22.80 22.83 -3.50
C ARG G 55 22.35 22.81 -2.08
N ARG G 56 21.02 22.82 -1.89
CA ARG G 56 20.50 22.97 -0.54
C ARG G 56 20.99 21.93 0.42
N LYS G 57 22.07 22.19 1.10
CA LYS G 57 22.63 21.25 2.00
C LYS G 57 22.92 21.98 3.24
N SER G 58 23.06 21.27 4.33
CA SER G 58 23.33 21.90 5.57
C SER G 58 23.20 20.87 6.68
N CYS G 59 24.10 20.95 7.64
CA CYS G 59 24.07 20.13 8.79
C CYS G 59 24.38 21.09 9.87
N GLN G 60 23.50 21.31 10.83
CA GLN G 60 23.77 22.30 11.86
C GLN G 60 25.13 22.24 12.50
N ALA G 61 25.65 21.07 12.57
CA ALA G 61 26.88 20.88 13.29
C ALA G 61 28.05 21.40 12.48
N CYS G 62 27.94 21.07 11.18
CA CYS G 62 28.83 21.43 10.12
C CYS G 62 28.75 22.93 9.80
N ARG G 63 27.59 23.51 10.07
CA ARG G 63 27.34 24.96 9.97
C ARG G 63 28.00 25.71 11.14
N LEU G 64 27.78 25.30 12.36
CA LEU G 64 28.48 26.02 13.39
C LEU G 64 30.01 25.92 13.26
N ARG G 65 30.48 24.78 12.80
CA ARG G 65 31.90 24.65 12.69
C ARG G 65 32.34 25.66 11.65
N LYS G 66 31.82 25.57 10.46
CA LYS G 66 32.21 26.53 9.50
C LYS G 66 32.21 27.92 10.10
N CYS G 67 31.05 28.37 10.54
CA CYS G 67 30.99 29.69 11.13
C CYS G 67 32.26 30.02 11.86
N TYR G 68 32.67 29.15 12.71
CA TYR G 68 33.85 29.50 13.42
C TYR G 68 35.09 29.35 12.56
N GLU G 69 35.12 28.34 11.72
CA GLU G 69 36.30 28.17 10.92
C GLU G 69 36.65 29.43 10.14
N VAL G 70 35.65 30.05 9.55
CA VAL G 70 35.87 31.19 8.70
C VAL G 70 35.91 32.51 9.41
N GLY G 71 35.97 32.47 10.74
CA GLY G 71 36.14 33.71 11.41
C GLY G 71 35.03 34.37 12.20
N MET G 72 33.78 33.93 12.12
CA MET G 72 32.76 34.58 12.97
C MET G 72 33.23 34.62 14.42
N MET G 73 33.13 35.76 15.12
CA MET G 73 33.68 35.81 16.47
C MET G 73 32.91 36.69 17.44
N LYS G 74 32.46 37.82 16.96
CA LYS G 74 31.84 38.80 17.85
C LYS G 74 31.65 38.37 19.29
N LYS H 2 3.64 -4.55 24.34
CA LYS H 2 3.87 -5.61 25.32
C LYS H 2 5.24 -6.24 25.10
N GLU H 3 5.50 -6.68 23.87
CA GLU H 3 6.82 -7.16 23.57
C GLU H 3 7.74 -5.92 23.49
N THR H 4 9.03 -6.09 23.85
CA THR H 4 10.00 -5.04 23.67
C THR H 4 10.57 -5.21 22.28
N ARG H 5 10.31 -4.22 21.43
CA ARG H 5 10.82 -4.14 20.06
C ARG H 5 11.36 -2.74 19.77
N TYR H 6 12.24 -2.67 18.78
CA TYR H 6 12.92 -1.47 18.36
C TYR H 6 12.46 -0.89 17.02
N CYS H 7 12.33 0.43 16.96
CA CYS H 7 11.98 1.08 15.73
C CYS H 7 13.00 0.64 14.66
N ALA H 8 12.55 0.23 13.49
CA ALA H 8 13.43 -0.21 12.43
C ALA H 8 14.17 0.94 11.77
N VAL H 9 13.64 2.14 11.94
CA VAL H 9 14.24 3.32 11.36
C VAL H 9 15.16 3.94 12.37
N CYS H 10 14.70 4.20 13.56
CA CYS H 10 15.61 4.90 14.40
C CYS H 10 16.23 4.19 15.53
N ASN H 11 15.84 2.96 15.76
CA ASN H 11 16.45 2.19 16.85
C ASN H 11 15.93 2.49 18.21
N ASP H 12 14.97 3.37 18.23
CA ASP H 12 14.34 3.69 19.48
C ASP H 12 13.20 2.68 19.63
N TYR H 13 12.73 2.50 20.88
CA TYR H 13 11.65 1.59 21.22
C TYR H 13 10.48 1.80 20.30
N ALA H 14 10.14 0.82 19.47
CA ALA H 14 9.00 1.01 18.57
C ALA H 14 7.68 1.25 19.30
N SER H 15 6.70 1.90 18.68
CA SER H 15 5.44 2.09 19.41
C SER H 15 4.36 1.11 18.90
N GLY H 16 4.51 0.64 17.67
CA GLY H 16 3.52 -0.21 17.08
C GLY H 16 3.99 -0.60 15.71
N TYR H 17 3.11 -1.15 14.95
CA TYR H 17 3.49 -1.64 13.67
C TYR H 17 2.87 -0.72 12.71
N HIS H 18 3.72 0.10 12.12
CA HIS H 18 3.23 1.19 11.27
C HIS H 18 3.76 1.12 9.87
N TYR H 19 2.85 1.37 8.92
CA TYR H 19 3.21 1.34 7.53
C TYR H 19 4.04 0.14 7.18
N GLY H 20 3.74 -1.02 7.74
CA GLY H 20 4.45 -2.20 7.36
C GLY H 20 5.71 -2.56 8.15
N VAL H 21 6.04 -1.82 9.18
CA VAL H 21 7.18 -2.26 9.88
C VAL H 21 6.98 -1.78 11.26
N TRP H 22 7.81 -2.25 12.18
CA TRP H 22 7.75 -1.81 13.55
C TRP H 22 8.40 -0.46 13.63
N SER H 23 7.78 0.44 14.40
CA SER H 23 8.35 1.73 14.48
C SER H 23 7.80 2.66 15.54
N CYS H 24 8.58 3.76 15.69
CA CYS H 24 8.28 4.82 16.65
C CYS H 24 7.26 5.79 16.08
N GLU H 25 6.69 6.58 16.98
CA GLU H 25 5.68 7.59 16.59
C GLU H 25 6.29 8.55 15.57
N GLY H 26 7.52 8.97 15.92
CA GLY H 26 8.39 9.80 15.13
C GLY H 26 8.62 9.27 13.74
N CYS H 27 9.26 8.11 13.56
CA CYS H 27 9.35 7.75 12.15
C CYS H 27 8.05 7.57 11.52
N LYS H 28 7.09 7.35 12.39
CA LYS H 28 5.80 7.14 11.83
C LYS H 28 5.27 8.43 11.22
N ALA H 29 5.38 9.52 11.98
CA ALA H 29 4.87 10.82 11.53
C ALA H 29 5.61 11.29 10.28
N PHE H 30 6.92 11.05 10.37
CA PHE H 30 7.90 11.29 9.32
C PHE H 30 7.47 10.74 7.98
N PHE H 31 7.27 9.42 7.94
CA PHE H 31 6.84 8.76 6.71
C PHE H 31 5.47 9.24 6.25
N LYS H 32 4.58 9.45 7.19
CA LYS H 32 3.26 9.85 6.81
C LYS H 32 3.36 11.03 5.90
N ARG H 33 4.11 11.99 6.38
CA ARG H 33 4.30 13.25 5.70
C ARG H 33 4.82 13.04 4.29
N SER H 34 5.92 12.35 4.21
CA SER H 34 6.61 12.08 2.99
C SER H 34 5.76 11.50 1.86
N ILE H 35 4.90 10.59 2.20
CA ILE H 35 4.03 9.98 1.21
C ILE H 35 2.90 10.97 0.86
N GLN H 36 2.62 11.80 1.86
CA GLN H 36 1.60 12.84 1.81
C GLN H 36 2.09 14.09 1.03
N GLY H 37 3.36 14.09 0.57
CA GLY H 37 3.94 15.21 -0.20
C GLY H 37 5.34 15.58 0.30
N ASP H 40 10.86 16.41 -0.39
CA ASP H 40 11.99 17.04 -1.10
C ASP H 40 13.22 17.42 -0.23
N TYR H 41 13.93 16.41 0.25
CA TYR H 41 15.08 16.61 1.14
C TYR H 41 16.43 16.53 0.44
N MET H 42 17.48 16.99 1.11
CA MET H 42 18.80 16.94 0.50
C MET H 42 19.87 16.47 1.44
N CYS H 43 20.55 15.37 1.15
CA CYS H 43 21.57 14.92 2.10
C CYS H 43 22.74 15.88 2.04
N PRO H 44 23.17 16.28 3.24
CA PRO H 44 24.27 17.21 3.42
C PRO H 44 25.60 16.55 3.19
N ALA H 45 25.57 15.25 2.88
CA ALA H 45 26.79 14.45 2.75
C ALA H 45 26.73 13.30 1.75
N THR H 46 26.98 12.07 2.19
CA THR H 46 27.01 11.00 1.24
C THR H 46 25.82 10.06 1.20
N ASN H 47 24.70 10.46 1.75
CA ASN H 47 23.57 9.61 1.68
C ASN H 47 23.89 8.34 2.40
N GLN H 48 24.70 8.55 3.38
CA GLN H 48 25.00 7.45 4.21
C GLN H 48 24.89 7.93 5.61
N CYS H 49 23.99 8.86 5.92
CA CYS H 49 24.01 9.23 7.33
C CYS H 49 23.44 8.14 8.21
N THR H 50 23.74 8.28 9.49
CA THR H 50 23.23 7.41 10.51
C THR H 50 21.87 7.90 11.00
N ILE H 51 20.94 6.99 11.18
CA ILE H 51 19.71 7.41 11.79
C ILE H 51 19.63 6.73 13.10
N ASP H 52 19.89 7.42 14.17
CA ASP H 52 19.81 6.72 15.39
C ASP H 52 19.46 7.67 16.47
N LYS H 53 18.26 7.59 16.97
CA LYS H 53 17.85 8.53 17.98
C LYS H 53 18.65 8.43 19.25
N ASN H 54 19.30 7.31 19.50
CA ASN H 54 19.93 7.26 20.80
C ASN H 54 21.27 7.94 20.78
N ARG H 55 21.77 8.08 19.56
CA ARG H 55 23.00 8.74 19.26
C ARG H 55 22.61 10.09 18.71
N ARG H 56 21.33 10.35 18.74
CA ARG H 56 20.87 11.64 18.32
C ARG H 56 21.29 12.06 16.91
N LYS H 57 21.73 11.10 16.07
CA LYS H 57 22.09 11.30 14.65
C LYS H 57 20.87 11.18 13.72
N SER H 58 20.69 12.11 12.80
CA SER H 58 19.55 12.05 11.88
C SER H 58 19.74 12.99 10.64
N CYS H 59 19.29 12.61 9.43
CA CYS H 59 19.31 13.40 8.20
C CYS H 59 18.00 13.14 7.48
N GLN H 60 17.08 14.08 7.50
CA GLN H 60 15.81 13.89 6.81
C GLN H 60 15.89 13.15 5.50
N ALA H 61 17.01 13.28 4.83
CA ALA H 61 17.13 12.64 3.54
C ALA H 61 17.41 11.16 3.68
N CYS H 62 18.30 10.84 4.62
CA CYS H 62 18.68 9.51 4.93
C CYS H 62 17.53 8.67 5.53
N ARG H 63 16.77 9.35 6.42
CA ARG H 63 15.57 8.89 7.08
C ARG H 63 14.65 8.45 6.01
N LEU H 64 14.17 9.34 5.19
CA LEU H 64 13.24 8.82 4.21
C LEU H 64 13.77 7.61 3.43
N ARG H 65 15.04 7.64 3.09
CA ARG H 65 15.67 6.56 2.36
C ARG H 65 15.52 5.31 3.18
N LYS H 66 16.02 5.45 4.36
CA LYS H 66 15.93 4.41 5.30
C LYS H 66 14.45 3.93 5.59
N CYS H 67 13.44 4.81 5.55
CA CYS H 67 12.07 4.39 5.79
C CYS H 67 11.65 3.44 4.70
N TYR H 68 12.12 3.77 3.54
CA TYR H 68 11.77 3.00 2.37
C TYR H 68 12.48 1.66 2.42
N GLU H 69 13.74 1.82 2.76
CA GLU H 69 14.70 0.75 2.90
C GLU H 69 14.18 -0.37 3.82
N VAL H 70 13.86 -0.03 5.09
CA VAL H 70 13.38 -1.06 5.98
C VAL H 70 12.01 -1.54 5.58
N GLY H 71 11.55 -1.06 4.42
CA GLY H 71 10.32 -1.46 3.78
C GLY H 71 9.05 -0.68 4.11
N MET H 72 9.08 0.51 4.69
CA MET H 72 7.78 1.10 4.90
C MET H 72 6.93 1.16 3.63
N MET H 73 5.60 1.15 3.77
CA MET H 73 4.76 1.10 2.59
C MET H 73 3.39 1.79 2.60
N LYS H 74 2.49 1.45 3.52
CA LYS H 74 1.17 2.05 3.37
C LYS H 74 0.65 1.77 1.96
#